data_8XTH
#
_entry.id   8XTH
#
_entity_poly.entity_id   1
_entity_poly.type   'polypeptide(L)'
_entity_poly.pdbx_seq_one_letter_code
;YIIYCNRRTGKCQRM
;
_entity_poly.pdbx_strand_id   A
#
# COMPACT_ATOMS: atom_id res chain seq x y z
N TYR A 1 3.70 7.99 8.19
CA TYR A 1 3.32 8.06 6.79
C TYR A 1 2.80 6.70 6.29
N ILE A 2 2.55 6.62 5.00
CA ILE A 2 2.06 5.39 4.39
C ILE A 2 3.14 4.70 3.56
N ILE A 3 3.67 3.59 4.07
CA ILE A 3 4.70 2.85 3.37
C ILE A 3 4.34 1.38 3.27
N TYR A 4 3.11 1.10 2.84
CA TYR A 4 2.63 -0.27 2.70
C TYR A 4 1.78 -0.43 1.45
N CYS A 5 2.03 -1.48 0.69
CA CYS A 5 1.27 -1.74 -0.54
C CYS A 5 0.39 -2.97 -0.37
N ASN A 6 -0.90 -2.73 -0.09
CA ASN A 6 -1.85 -3.81 0.09
C ASN A 6 -2.35 -4.33 -1.26
N ARG A 7 -1.44 -4.40 -2.23
CA ARG A 7 -1.77 -4.88 -3.57
C ARG A 7 -2.74 -6.06 -3.50
N ARG A 8 -2.65 -6.82 -2.41
CA ARG A 8 -3.51 -7.98 -2.22
C ARG A 8 -4.97 -7.62 -2.47
N THR A 9 -5.39 -6.49 -1.91
CA THR A 9 -6.78 -6.04 -2.07
C THR A 9 -6.88 -4.99 -3.17
N GLY A 10 -5.74 -4.46 -3.60
CA GLY A 10 -5.72 -3.46 -4.65
C GLY A 10 -5.43 -2.07 -4.12
N LYS A 11 -4.81 -2.00 -2.95
CA LYS A 11 -4.47 -0.73 -2.33
C LYS A 11 -2.96 -0.57 -2.20
N CYS A 12 -2.49 0.67 -2.31
CA CYS A 12 -1.06 0.96 -2.21
C CYS A 12 -0.82 2.25 -1.45
N GLN A 13 0.44 2.52 -1.12
CA GLN A 13 0.80 3.74 -0.39
C GLN A 13 1.46 4.75 -1.31
N ARG A 14 2.06 5.78 -0.72
CA ARG A 14 2.73 6.82 -1.50
C ARG A 14 4.23 6.83 -1.21
N MET A 15 4.60 6.43 0.02
CA MET A 15 6.00 6.40 0.42
C MET A 15 6.71 5.20 -0.19
N TYR A 1 6.60 2.93 8.80
CA TYR A 1 6.01 3.83 7.83
C TYR A 1 4.94 3.12 7.00
N ILE A 2 4.20 3.90 6.22
CA ILE A 2 3.14 3.35 5.38
C ILE A 2 3.53 3.40 3.91
N ILE A 3 4.75 2.97 3.60
CA ILE A 3 5.22 2.96 2.22
C ILE A 3 5.29 1.55 1.66
N TYR A 4 4.11 0.94 1.47
CA TYR A 4 4.03 -0.41 0.94
C TYR A 4 2.87 -0.53 -0.04
N CYS A 5 2.68 -1.74 -0.56
CA CYS A 5 1.61 -2.00 -1.51
C CYS A 5 0.58 -2.97 -0.93
N ASN A 6 -0.64 -2.49 -0.74
CA ASN A 6 -1.72 -3.30 -0.20
C ASN A 6 -2.33 -4.18 -1.27
N ARG A 7 -1.49 -4.66 -2.19
CA ARG A 7 -1.95 -5.52 -3.28
C ARG A 7 -2.97 -6.55 -2.77
N ARG A 8 -2.84 -6.91 -1.49
CA ARG A 8 -3.74 -7.88 -0.88
C ARG A 8 -5.20 -7.52 -1.18
N THR A 9 -5.53 -6.25 -0.99
CA THR A 9 -6.90 -5.78 -1.21
C THR A 9 -7.02 -5.11 -2.58
N GLY A 10 -5.88 -4.89 -3.23
CA GLY A 10 -5.89 -4.25 -4.54
C GLY A 10 -5.56 -2.77 -4.47
N LYS A 11 -4.90 -2.37 -3.38
CA LYS A 11 -4.52 -0.98 -3.20
C LYS A 11 -3.02 -0.84 -2.99
N CYS A 12 -2.50 0.38 -3.12
CA CYS A 12 -1.09 0.64 -2.93
C CYS A 12 -0.86 1.96 -2.21
N GLN A 13 0.16 2.00 -1.36
CA GLN A 13 0.47 3.21 -0.60
C GLN A 13 1.72 3.89 -1.16
N ARG A 14 1.99 5.11 -0.70
CA ARG A 14 3.16 5.86 -1.15
C ARG A 14 3.69 6.75 -0.03
N MET A 15 3.61 6.26 1.20
CA MET A 15 4.09 7.01 2.35
C MET A 15 5.59 6.86 2.51
N TYR A 1 4.22 6.98 9.20
CA TYR A 1 4.74 6.68 7.88
C TYR A 1 3.87 5.65 7.16
N ILE A 2 3.62 5.89 5.87
CA ILE A 2 2.80 4.98 5.08
C ILE A 2 3.66 4.23 4.06
N ILE A 3 4.19 3.09 4.47
CA ILE A 3 5.02 2.27 3.59
C ILE A 3 4.48 0.85 3.49
N TYR A 4 3.26 0.72 3.01
CA TYR A 4 2.62 -0.58 2.87
C TYR A 4 1.91 -0.71 1.53
N CYS A 5 2.07 -1.85 0.87
CA CYS A 5 1.43 -2.09 -0.42
C CYS A 5 0.54 -3.32 -0.37
N ASN A 6 -0.71 -3.13 0.04
CA ASN A 6 -1.67 -4.23 0.13
C ASN A 6 -2.26 -4.54 -1.24
N ARG A 7 -1.44 -4.44 -2.28
CA ARG A 7 -1.89 -4.73 -3.64
C ARG A 7 -2.81 -5.93 -3.67
N ARG A 8 -2.63 -6.84 -2.71
CA ARG A 8 -3.46 -8.04 -2.64
C ARG A 8 -4.93 -7.70 -2.78
N THR A 9 -5.36 -6.63 -2.10
CA THR A 9 -6.75 -6.20 -2.16
C THR A 9 -6.94 -5.06 -3.16
N GLY A 10 -5.82 -4.52 -3.64
CA GLY A 10 -5.88 -3.44 -4.61
C GLY A 10 -5.60 -2.09 -3.99
N LYS A 11 -4.93 -2.10 -2.84
CA LYS A 11 -4.58 -0.86 -2.14
C LYS A 11 -3.09 -0.80 -1.86
N CYS A 12 -2.52 0.40 -1.97
CA CYS A 12 -1.10 0.60 -1.73
C CYS A 12 -0.86 1.89 -0.95
N GLN A 13 0.41 2.22 -0.73
CA GLN A 13 0.78 3.42 0.01
C GLN A 13 1.26 4.51 -0.94
N ARG A 14 1.78 5.59 -0.38
CA ARG A 14 2.28 6.71 -1.17
C ARG A 14 3.65 7.16 -0.67
N MET A 15 3.85 7.08 0.64
CA MET A 15 5.11 7.49 1.24
C MET A 15 6.28 6.71 0.64
N TYR A 1 6.59 2.99 8.81
CA TYR A 1 5.96 3.90 7.86
C TYR A 1 4.89 3.17 7.04
N ILE A 2 4.10 3.94 6.30
CA ILE A 2 3.04 3.37 5.47
C ILE A 2 3.39 3.47 4.00
N ILE A 3 4.61 3.07 3.65
CA ILE A 3 5.05 3.12 2.26
C ILE A 3 5.14 1.73 1.66
N TYR A 4 3.98 1.09 1.49
CA TYR A 4 3.93 -0.26 0.93
C TYR A 4 2.74 -0.40 -0.02
N CYS A 5 2.66 -1.55 -0.68
CA CYS A 5 1.58 -1.81 -1.62
C CYS A 5 0.61 -2.84 -1.06
N ASN A 6 -0.61 -2.41 -0.76
CA ASN A 6 -1.63 -3.29 -0.21
C ASN A 6 -2.26 -4.14 -1.32
N ARG A 7 -1.47 -4.48 -2.33
CA ARG A 7 -1.96 -5.27 -3.45
C ARG A 7 -2.86 -6.40 -2.96
N ARG A 8 -2.64 -6.83 -1.71
CA ARG A 8 -3.43 -7.90 -1.13
C ARG A 8 -4.92 -7.63 -1.29
N THR A 9 -5.33 -6.40 -1.00
CA THR A 9 -6.73 -5.99 -1.11
C THR A 9 -6.99 -5.27 -2.42
N GLY A 10 -5.92 -4.92 -3.13
CA GLY A 10 -6.05 -4.22 -4.39
C GLY A 10 -5.78 -2.73 -4.26
N LYS A 11 -5.06 -2.36 -3.21
CA LYS A 11 -4.73 -0.96 -2.97
C LYS A 11 -3.23 -0.78 -2.79
N CYS A 12 -2.76 0.46 -2.92
CA CYS A 12 -1.35 0.76 -2.77
C CYS A 12 -1.15 2.08 -2.02
N GLN A 13 -0.10 2.14 -1.20
CA GLN A 13 0.20 3.35 -0.43
C GLN A 13 1.41 4.07 -1.01
N ARG A 14 1.65 5.29 -0.52
CA ARG A 14 2.77 6.08 -0.97
C ARG A 14 3.33 6.95 0.15
N MET A 15 3.29 6.41 1.37
CA MET A 15 3.79 7.15 2.53
C MET A 15 5.30 7.02 2.64
N TYR A 1 4.87 4.85 9.50
CA TYR A 1 5.13 5.18 8.11
C TYR A 1 4.24 4.37 7.18
N ILE A 2 3.85 4.97 6.06
CA ILE A 2 3.00 4.30 5.08
C ILE A 2 3.78 3.95 3.82
N ILE A 3 4.62 2.92 3.90
CA ILE A 3 5.41 2.49 2.77
C ILE A 3 5.17 1.02 2.45
N TYR A 4 3.91 0.67 2.24
CA TYR A 4 3.55 -0.71 1.93
C TYR A 4 2.43 -0.76 0.89
N CYS A 5 2.46 -1.78 0.04
CA CYS A 5 1.45 -1.94 -1.00
C CYS A 5 0.47 -3.05 -0.63
N ASN A 6 -0.80 -2.69 -0.47
CA ASN A 6 -1.82 -3.66 -0.13
C ASN A 6 -2.29 -4.44 -1.36
N ARG A 7 -1.34 -4.74 -2.24
CA ARG A 7 -1.65 -5.47 -3.47
C ARG A 7 -2.64 -6.60 -3.19
N ARG A 8 -2.61 -7.12 -1.97
CA ARG A 8 -3.50 -8.20 -1.57
C ARG A 8 -4.94 -7.88 -1.96
N THR A 9 -5.37 -6.67 -1.66
CA THR A 9 -6.73 -6.24 -1.97
C THR A 9 -6.76 -5.40 -3.24
N GLY A 10 -5.59 -5.04 -3.74
CA GLY A 10 -5.50 -4.24 -4.95
C GLY A 10 -5.29 -2.76 -4.65
N LYS A 11 -4.76 -2.47 -3.47
CA LYS A 11 -4.50 -1.09 -3.07
C LYS A 11 -3.03 -0.89 -2.72
N CYS A 12 -2.61 0.36 -2.64
CA CYS A 12 -1.23 0.69 -2.31
C CYS A 12 -1.16 1.92 -1.40
N GLN A 13 0.06 2.32 -1.04
CA GLN A 13 0.27 3.47 -0.18
C GLN A 13 0.74 4.67 -0.99
N ARG A 14 1.13 5.73 -0.28
CA ARG A 14 1.60 6.95 -0.93
C ARG A 14 2.99 7.33 -0.42
N MET A 15 3.27 6.97 0.83
CA MET A 15 4.56 7.28 1.45
C MET A 15 5.61 6.23 1.06
N TYR A 1 6.63 2.99 8.77
CA TYR A 1 6.03 3.88 7.79
C TYR A 1 4.95 3.15 6.99
N ILE A 2 4.19 3.91 6.21
CA ILE A 2 3.13 3.34 5.39
C ILE A 2 3.50 3.38 3.91
N ILE A 3 4.71 2.94 3.59
CA ILE A 3 5.18 2.91 2.22
C ILE A 3 5.23 1.49 1.67
N TYR A 4 4.05 0.88 1.51
CA TYR A 4 3.96 -0.48 0.99
C TYR A 4 2.79 -0.62 0.04
N CYS A 5 2.68 -1.79 -0.59
CA CYS A 5 1.59 -2.05 -1.53
C CYS A 5 0.59 -3.04 -0.95
N ASN A 6 -0.61 -2.56 -0.68
CA ASN A 6 -1.66 -3.40 -0.12
C ASN A 6 -2.30 -4.27 -1.20
N ARG A 7 -1.50 -4.65 -2.19
CA ARG A 7 -1.99 -5.49 -3.29
C ARG A 7 -2.93 -6.57 -2.77
N ARG A 8 -2.74 -6.96 -1.51
CA ARG A 8 -3.58 -7.99 -0.90
C ARG A 8 -5.06 -7.68 -1.09
N THR A 9 -5.42 -6.43 -0.86
CA THR A 9 -6.82 -6.00 -1.00
C THR A 9 -7.05 -5.31 -2.34
N GLY A 10 -5.96 -5.02 -3.04
CA GLY A 10 -6.05 -4.36 -4.32
C GLY A 10 -5.75 -2.87 -4.24
N LYS A 11 -5.02 -2.48 -3.20
CA LYS A 11 -4.65 -1.09 -3.00
C LYS A 11 -3.15 -0.93 -2.81
N CYS A 12 -2.65 0.29 -2.97
CA CYS A 12 -1.23 0.56 -2.81
C CYS A 12 -1.01 1.90 -2.11
N GLN A 13 0.02 1.97 -1.29
CA GLN A 13 0.34 3.18 -0.55
C GLN A 13 1.58 3.85 -1.13
N ARG A 14 1.86 5.08 -0.68
CA ARG A 14 3.01 5.82 -1.15
C ARG A 14 3.56 6.72 -0.05
N MET A 15 3.53 6.22 1.18
CA MET A 15 4.03 6.97 2.32
C MET A 15 5.54 6.81 2.46
N TYR A 1 4.99 4.98 9.44
CA TYR A 1 5.26 5.27 8.04
C TYR A 1 4.38 4.45 7.12
N ILE A 2 4.02 5.02 5.97
CA ILE A 2 3.17 4.34 5.01
C ILE A 2 3.95 3.93 3.77
N ILE A 3 4.74 2.87 3.90
CA ILE A 3 5.55 2.39 2.80
C ILE A 3 5.27 0.91 2.52
N TYR A 4 4.00 0.59 2.28
CA TYR A 4 3.60 -0.78 2.01
C TYR A 4 2.52 -0.83 0.92
N CYS A 5 2.52 -1.90 0.14
CA CYS A 5 1.54 -2.08 -0.92
C CYS A 5 0.51 -3.13 -0.56
N ASN A 6 -0.75 -2.73 -0.49
CA ASN A 6 -1.84 -3.64 -0.14
C ASN A 6 -2.25 -4.47 -1.35
N ARG A 7 -1.27 -4.86 -2.15
CA ARG A 7 -1.51 -5.67 -3.34
C ARG A 7 -2.56 -6.74 -3.06
N ARG A 8 -2.62 -7.19 -1.81
CA ARG A 8 -3.58 -8.21 -1.40
C ARG A 8 -4.98 -7.87 -1.88
N THR A 9 -5.38 -6.62 -1.65
CA THR A 9 -6.71 -6.17 -2.06
C THR A 9 -6.65 -5.37 -3.36
N GLY A 10 -5.43 -5.06 -3.80
CA GLY A 10 -5.25 -4.32 -5.04
C GLY A 10 -5.01 -2.84 -4.79
N LYS A 11 -4.54 -2.51 -3.58
CA LYS A 11 -4.27 -1.13 -3.22
C LYS A 11 -2.81 -0.95 -2.82
N CYS A 12 -2.37 0.30 -2.75
CA CYS A 12 -0.99 0.61 -2.39
C CYS A 12 -0.92 1.87 -1.51
N GLN A 13 0.29 2.24 -1.12
CA GLN A 13 0.48 3.42 -0.29
C GLN A 13 1.00 4.59 -1.11
N ARG A 14 1.40 5.66 -0.43
CA ARG A 14 1.91 6.85 -1.10
C ARG A 14 3.30 7.21 -0.58
N MET A 15 3.56 6.87 0.67
CA MET A 15 4.85 7.15 1.29
C MET A 15 5.86 6.06 0.97
N TYR A 1 4.70 6.90 9.50
CA TYR A 1 5.12 6.67 8.12
C TYR A 1 4.16 5.74 7.41
N ILE A 2 3.87 6.04 6.15
CA ILE A 2 2.97 5.23 5.35
C ILE A 2 3.72 4.45 4.27
N ILE A 3 4.24 3.29 4.64
CA ILE A 3 4.98 2.46 3.71
C ILE A 3 4.37 1.07 3.60
N TYR A 4 3.17 0.99 3.03
CA TYR A 4 2.48 -0.28 2.87
C TYR A 4 1.77 -0.34 1.51
N CYS A 5 1.86 -1.50 0.87
CA CYS A 5 1.24 -1.69 -0.43
C CYS A 5 0.37 -2.94 -0.43
N ASN A 6 -0.88 -2.80 0.02
CA ASN A 6 -1.81 -3.92 0.07
C ASN A 6 -2.38 -4.21 -1.31
N ARG A 7 -1.57 -4.01 -2.34
CA ARG A 7 -2.00 -4.25 -3.72
C ARG A 7 -2.86 -5.51 -3.80
N ARG A 8 -2.64 -6.44 -2.88
CA ARG A 8 -3.40 -7.68 -2.85
C ARG A 8 -4.90 -7.42 -2.98
N THR A 9 -5.37 -6.40 -2.25
CA THR A 9 -6.78 -6.04 -2.27
C THR A 9 -7.03 -4.86 -3.19
N GLY A 10 -5.94 -4.21 -3.62
CA GLY A 10 -6.07 -3.06 -4.49
C GLY A 10 -5.82 -1.74 -3.77
N LYS A 11 -5.11 -1.81 -2.65
CA LYS A 11 -4.81 -0.63 -1.86
C LYS A 11 -3.30 -0.47 -1.67
N CYS A 12 -2.82 0.78 -1.76
CA CYS A 12 -1.41 1.06 -1.60
C CYS A 12 -1.20 2.37 -0.84
N GLN A 13 0.06 2.67 -0.52
CA GLN A 13 0.39 3.89 0.20
C GLN A 13 0.97 4.95 -0.74
N ARG A 14 1.45 6.04 -0.17
CA ARG A 14 2.03 7.11 -0.96
C ARG A 14 3.47 7.41 -0.51
N MET A 15 3.75 7.13 0.76
CA MET A 15 5.08 7.35 1.31
C MET A 15 6.04 6.23 0.91
N TYR A 1 4.98 4.61 9.62
CA TYR A 1 5.23 4.98 8.23
C TYR A 1 4.33 4.18 7.29
N ILE A 2 3.93 4.81 6.18
CA ILE A 2 3.07 4.17 5.20
C ILE A 2 3.84 3.86 3.92
N ILE A 3 4.70 2.85 3.98
CA ILE A 3 5.49 2.45 2.82
C ILE A 3 5.26 0.98 2.47
N TYR A 4 3.99 0.62 2.27
CA TYR A 4 3.64 -0.74 1.93
C TYR A 4 2.51 -0.78 0.90
N CYS A 5 2.55 -1.77 0.02
CA CYS A 5 1.53 -1.92 -1.02
C CYS A 5 0.56 -3.04 -0.67
N ASN A 6 -0.70 -2.68 -0.46
CA ASN A 6 -1.73 -3.65 -0.12
C ASN A 6 -2.19 -4.41 -1.36
N ARG A 7 -1.26 -4.64 -2.29
CA ARG A 7 -1.57 -5.35 -3.52
C ARG A 7 -2.50 -6.53 -3.24
N ARG A 8 -2.44 -7.06 -2.03
CA ARG A 8 -3.27 -8.19 -1.63
C ARG A 8 -4.74 -7.93 -1.97
N THR A 9 -5.20 -6.73 -1.64
CA THR A 9 -6.58 -6.35 -1.91
C THR A 9 -6.70 -5.48 -3.15
N GLY A 10 -5.55 -5.05 -3.67
CA GLY A 10 -5.53 -4.21 -4.86
C GLY A 10 -5.33 -2.75 -4.53
N LYS A 11 -4.74 -2.48 -3.37
CA LYS A 11 -4.49 -1.11 -2.94
C LYS A 11 -3.01 -0.90 -2.62
N CYS A 12 -2.60 0.35 -2.52
CA CYS A 12 -1.22 0.70 -2.21
C CYS A 12 -1.13 1.90 -1.29
N GLN A 13 0.09 2.30 -0.94
CA GLN A 13 0.29 3.43 -0.06
C GLN A 13 0.76 4.66 -0.84
N ARG A 14 1.14 5.70 -0.13
CA ARG A 14 1.61 6.94 -0.76
C ARG A 14 2.99 7.32 -0.25
N MET A 15 3.29 6.93 0.99
CA MET A 15 4.59 7.23 1.59
C MET A 15 5.64 6.22 1.16
N TYR A 1 4.17 6.91 9.09
CA TYR A 1 4.67 6.66 7.75
C TYR A 1 3.78 5.66 7.00
N ILE A 2 3.58 5.92 5.72
CA ILE A 2 2.75 5.04 4.89
C ILE A 2 3.60 4.26 3.90
N ILE A 3 4.14 3.12 4.34
CA ILE A 3 4.96 2.29 3.48
C ILE A 3 4.43 0.87 3.41
N TYR A 4 3.18 0.74 2.93
CA TYR A 4 2.54 -0.57 2.82
C TYR A 4 1.85 -0.72 1.47
N CYS A 5 1.99 -1.88 0.86
CA CYS A 5 1.37 -2.15 -0.43
C CYS A 5 0.46 -3.38 -0.36
N ASN A 6 -0.78 -3.16 0.03
CA ASN A 6 -1.75 -4.25 0.15
C ASN A 6 -2.31 -4.63 -1.22
N ARG A 7 -1.45 -4.53 -2.24
CA ARG A 7 -1.86 -4.87 -3.60
C ARG A 7 -2.74 -6.11 -3.62
N ARG A 8 -2.57 -6.97 -2.62
CA ARG A 8 -3.36 -8.20 -2.52
C ARG A 8 -4.84 -7.91 -2.69
N THR A 9 -5.31 -6.82 -2.07
CA THR A 9 -6.71 -6.43 -2.15
C THR A 9 -6.91 -5.32 -3.18
N GLY A 10 -5.81 -4.73 -3.63
CA GLY A 10 -5.88 -3.66 -4.61
C GLY A 10 -5.60 -2.30 -3.99
N LYS A 11 -4.91 -2.29 -2.87
CA LYS A 11 -4.58 -1.05 -2.18
C LYS A 11 -3.08 -0.93 -1.96
N CYS A 12 -2.55 0.28 -2.06
CA CYS A 12 -1.13 0.53 -1.87
C CYS A 12 -0.90 1.83 -1.12
N GLN A 13 0.37 2.15 -0.87
CA GLN A 13 0.73 3.37 -0.16
C GLN A 13 1.22 4.45 -1.13
N ARG A 14 1.74 5.54 -0.58
CA ARG A 14 2.25 6.63 -1.40
C ARG A 14 3.62 7.10 -0.89
N MET A 15 3.81 7.05 0.42
CA MET A 15 5.06 7.46 1.02
C MET A 15 6.23 6.67 0.45
N TYR A 1 4.32 5.50 9.28
CA TYR A 1 4.83 5.54 7.91
C TYR A 1 4.01 4.63 7.00
N ILE A 2 3.66 5.15 5.83
CA ILE A 2 2.88 4.39 4.86
C ILE A 2 3.72 3.99 3.66
N ILE A 3 4.56 2.96 3.85
CA ILE A 3 5.42 2.48 2.77
C ILE A 3 5.17 1.00 2.50
N TYR A 4 3.92 0.64 2.26
CA TYR A 4 3.56 -0.74 1.99
C TYR A 4 2.48 -0.82 0.91
N CYS A 5 2.54 -1.87 0.10
CA CYS A 5 1.56 -2.06 -0.97
C CYS A 5 0.56 -3.14 -0.61
N ASN A 6 -0.71 -2.75 -0.47
CA ASN A 6 -1.76 -3.68 -0.11
C ASN A 6 -2.19 -4.51 -1.33
N ARG A 7 -1.24 -4.80 -2.20
CA ARG A 7 -1.51 -5.58 -3.40
C ARG A 7 -2.48 -6.72 -3.10
N ARG A 8 -2.46 -7.19 -1.86
CA ARG A 8 -3.33 -8.27 -1.43
C ARG A 8 -4.77 -8.01 -1.84
N THR A 9 -5.24 -6.78 -1.60
CA THR A 9 -6.60 -6.39 -1.95
C THR A 9 -6.64 -5.60 -3.24
N GLY A 10 -5.46 -5.21 -3.73
CA GLY A 10 -5.38 -4.45 -4.96
C GLY A 10 -5.15 -2.98 -4.72
N LYS A 11 -4.60 -2.65 -3.55
CA LYS A 11 -4.34 -1.26 -3.19
C LYS A 11 -2.87 -1.07 -2.83
N CYS A 12 -2.44 0.18 -2.78
CA CYS A 12 -1.06 0.51 -2.45
C CYS A 12 -0.99 1.77 -1.59
N GLN A 13 0.23 2.16 -1.23
CA GLN A 13 0.43 3.35 -0.40
C GLN A 13 0.93 4.52 -1.26
N ARG A 14 1.35 5.59 -0.59
CA ARG A 14 1.84 6.78 -1.27
C ARG A 14 3.20 7.20 -0.71
N MET A 15 3.40 6.97 0.58
CA MET A 15 4.66 7.32 1.23
C MET A 15 5.78 6.36 0.83
N TYR A 1 4.33 4.16 9.24
CA TYR A 1 4.63 4.81 7.98
C TYR A 1 3.73 4.29 6.87
N ILE A 2 3.63 5.03 5.78
CA ILE A 2 2.81 4.64 4.64
C ILE A 2 3.66 4.24 3.45
N ILE A 3 4.53 3.25 3.67
CA ILE A 3 5.41 2.75 2.61
C ILE A 3 5.18 1.27 2.35
N TYR A 4 3.93 0.90 2.08
CA TYR A 4 3.58 -0.49 1.82
C TYR A 4 2.51 -0.58 0.73
N CYS A 5 2.51 -1.71 0.01
CA CYS A 5 1.55 -1.92 -1.06
C CYS A 5 0.51 -2.97 -0.65
N ASN A 6 -0.74 -2.53 -0.57
CA ASN A 6 -1.83 -3.41 -0.19
C ASN A 6 -2.24 -4.31 -1.36
N ARG A 7 -1.28 -4.66 -2.19
CA ARG A 7 -1.54 -5.51 -3.35
C ARG A 7 -2.52 -6.62 -3.00
N ARG A 8 -2.55 -7.01 -1.73
CA ARG A 8 -3.44 -8.06 -1.27
C ARG A 8 -4.88 -7.79 -1.72
N THR A 9 -5.33 -6.55 -1.54
CA THR A 9 -6.67 -6.16 -1.92
C THR A 9 -6.68 -5.41 -3.25
N GLY A 10 -5.48 -5.06 -3.73
CA GLY A 10 -5.37 -4.34 -4.98
C GLY A 10 -5.14 -2.86 -4.78
N LYS A 11 -4.62 -2.50 -3.61
CA LYS A 11 -4.34 -1.11 -3.30
C LYS A 11 -2.88 -0.90 -2.95
N CYS A 12 -2.44 0.36 -2.92
CA CYS A 12 -1.06 0.68 -2.59
C CYS A 12 -0.98 1.96 -1.77
N GLN A 13 0.23 2.35 -1.40
CA GLN A 13 0.44 3.56 -0.61
C GLN A 13 0.93 4.70 -1.49
N ARG A 14 1.36 5.79 -0.86
CA ARG A 14 1.84 6.96 -1.59
C ARG A 14 3.28 7.28 -1.19
N MET A 15 3.65 6.92 0.04
CA MET A 15 4.99 7.18 0.55
C MET A 15 5.96 6.09 0.10
N TYR A 1 4.83 1.67 8.57
CA TYR A 1 4.94 2.84 7.71
C TYR A 1 3.80 2.88 6.70
N ILE A 2 3.67 4.02 6.01
CA ILE A 2 2.62 4.19 5.02
C ILE A 2 3.20 4.19 3.60
N ILE A 3 4.40 3.64 3.46
CA ILE A 3 5.06 3.57 2.16
C ILE A 3 5.14 2.13 1.65
N TYR A 4 4.00 1.45 1.66
CA TYR A 4 3.94 0.06 1.19
C TYR A 4 2.84 -0.11 0.15
N CYS A 5 2.54 -1.36 -0.17
CA CYS A 5 1.51 -1.67 -1.15
C CYS A 5 0.55 -2.74 -0.61
N ASN A 6 -0.72 -2.36 -0.46
CA ASN A 6 -1.73 -3.28 0.04
C ASN A 6 -2.21 -4.22 -1.06
N ARG A 7 -1.29 -4.61 -1.93
CA ARG A 7 -1.62 -5.52 -3.04
C ARG A 7 -2.56 -6.62 -2.58
N ARG A 8 -2.47 -6.97 -1.30
CA ARG A 8 -3.32 -8.02 -0.73
C ARG A 8 -4.78 -7.81 -1.15
N THR A 9 -5.27 -6.59 -1.02
CA THR A 9 -6.64 -6.27 -1.37
C THR A 9 -6.71 -5.62 -2.75
N GLY A 10 -5.55 -5.29 -3.31
CA GLY A 10 -5.51 -4.65 -4.61
C GLY A 10 -5.32 -3.15 -4.53
N LYS A 11 -4.80 -2.68 -3.41
CA LYS A 11 -4.59 -1.25 -3.21
C LYS A 11 -3.12 -0.97 -2.87
N CYS A 12 -2.74 0.29 -2.97
CA CYS A 12 -1.37 0.70 -2.69
C CYS A 12 -1.34 2.03 -1.93
N GLN A 13 -0.21 2.32 -1.29
CA GLN A 13 -0.05 3.56 -0.53
C GLN A 13 0.87 4.53 -1.26
N ARG A 14 1.18 5.64 -0.61
CA ARG A 14 2.05 6.65 -1.19
C ARG A 14 2.96 7.27 -0.13
N MET A 15 2.46 7.34 1.10
CA MET A 15 3.23 7.92 2.20
C MET A 15 3.52 9.39 1.95
N TYR A 1 4.37 5.15 9.55
CA TYR A 1 4.79 5.36 8.16
C TYR A 1 4.02 4.44 7.22
N ILE A 2 3.59 4.99 6.08
CA ILE A 2 2.85 4.23 5.09
C ILE A 2 3.70 3.98 3.84
N ILE A 3 4.50 2.92 3.87
CA ILE A 3 5.35 2.57 2.75
C ILE A 3 5.19 1.10 2.35
N TYR A 4 3.93 0.69 2.16
CA TYR A 4 3.64 -0.69 1.79
C TYR A 4 2.50 -0.75 0.77
N CYS A 5 2.56 -1.72 -0.13
CA CYS A 5 1.53 -1.89 -1.14
C CYS A 5 0.59 -3.04 -0.78
N ASN A 6 -0.65 -2.71 -0.48
CA ASN A 6 -1.65 -3.72 -0.13
C ASN A 6 -2.19 -4.41 -1.37
N ARG A 7 -1.34 -4.56 -2.38
CA ARG A 7 -1.74 -5.21 -3.62
C ARG A 7 -2.64 -6.41 -3.34
N ARG A 8 -2.47 -7.01 -2.17
CA ARG A 8 -3.28 -8.17 -1.79
C ARG A 8 -4.76 -7.89 -1.99
N THR A 9 -5.21 -6.72 -1.54
CA THR A 9 -6.60 -6.34 -1.66
C THR A 9 -6.81 -5.40 -2.84
N GLY A 10 -5.71 -4.92 -3.43
CA GLY A 10 -5.80 -4.02 -4.55
C GLY A 10 -5.54 -2.58 -4.18
N LYS A 11 -4.87 -2.38 -3.05
CA LYS A 11 -4.56 -1.04 -2.58
C LYS A 11 -3.06 -0.86 -2.37
N CYS A 12 -2.62 0.39 -2.20
CA CYS A 12 -1.21 0.69 -2.00
C CYS A 12 -1.04 1.82 -0.99
N GLN A 13 0.19 2.28 -0.83
CA GLN A 13 0.49 3.35 0.11
C GLN A 13 0.65 4.69 -0.62
N ARG A 14 1.10 5.71 0.11
CA ARG A 14 1.28 7.04 -0.46
C ARG A 14 2.57 7.66 0.02
N MET A 15 2.90 7.42 1.29
CA MET A 15 4.13 7.97 1.88
C MET A 15 5.35 7.51 1.09
N TYR A 1 6.02 2.37 7.19
CA TYR A 1 4.98 3.17 7.82
C TYR A 1 3.72 3.19 6.96
N ILE A 2 3.75 4.00 5.90
CA ILE A 2 2.62 4.11 4.98
C ILE A 2 3.08 4.10 3.53
N ILE A 3 4.31 3.66 3.31
CA ILE A 3 4.86 3.59 1.96
C ILE A 3 4.99 2.15 1.49
N TYR A 4 3.86 1.49 1.32
CA TYR A 4 3.85 0.10 0.88
C TYR A 4 2.73 -0.14 -0.13
N CYS A 5 2.51 -1.41 -0.47
CA CYS A 5 1.46 -1.78 -1.42
C CYS A 5 0.58 -2.88 -0.86
N ASN A 6 -0.69 -2.57 -0.62
CA ASN A 6 -1.63 -3.54 -0.09
C ASN A 6 -2.11 -4.49 -1.17
N ARG A 7 -1.22 -4.80 -2.12
CA ARG A 7 -1.55 -5.70 -3.21
C ARG A 7 -2.37 -6.88 -2.72
N ARG A 8 -2.20 -7.22 -1.45
CA ARG A 8 -2.92 -8.34 -0.85
C ARG A 8 -4.41 -8.24 -1.15
N THR A 9 -4.96 -7.04 -0.99
CA THR A 9 -6.39 -6.81 -1.23
C THR A 9 -6.61 -6.15 -2.59
N GLY A 10 -5.51 -5.74 -3.24
CA GLY A 10 -5.60 -5.11 -4.53
C GLY A 10 -5.51 -3.59 -4.45
N LYS A 11 -4.91 -3.10 -3.37
CA LYS A 11 -4.75 -1.67 -3.17
C LYS A 11 -3.29 -1.31 -2.92
N CYS A 12 -2.98 -0.02 -3.00
CA CYS A 12 -1.62 0.45 -2.77
C CYS A 12 -1.62 1.76 -1.99
N GLN A 13 -0.50 2.07 -1.36
CA GLN A 13 -0.37 3.30 -0.58
C GLN A 13 0.51 4.32 -1.29
N ARG A 14 0.81 5.42 -0.61
CA ARG A 14 1.64 6.47 -1.18
C ARG A 14 2.53 7.10 -0.12
N MET A 15 2.04 7.12 1.12
CA MET A 15 2.78 7.70 2.23
C MET A 15 2.95 9.21 2.06
N TYR A 1 5.33 3.99 9.33
CA TYR A 1 5.40 4.60 8.01
C TYR A 1 4.43 3.93 7.04
N ILE A 2 3.94 4.70 6.07
CA ILE A 2 3.00 4.18 5.09
C ILE A 2 3.66 4.04 3.72
N ILE A 3 4.66 3.18 3.64
CA ILE A 3 5.37 2.95 2.38
C ILE A 3 5.26 1.50 1.93
N TYR A 4 4.03 1.04 1.74
CA TYR A 4 3.78 -0.33 1.31
C TYR A 4 2.66 -0.39 0.27
N CYS A 5 2.41 -1.58 -0.25
CA CYS A 5 1.36 -1.78 -1.25
C CYS A 5 0.46 -2.96 -0.89
N ASN A 6 -0.78 -2.65 -0.57
CA ASN A 6 -1.74 -3.69 -0.20
C ASN A 6 -2.29 -4.40 -1.44
N ARG A 7 -1.44 -4.54 -2.46
CA ARG A 7 -1.83 -5.19 -3.69
C ARG A 7 -2.69 -6.42 -3.42
N ARG A 8 -2.50 -7.01 -2.24
CA ARG A 8 -3.26 -8.20 -1.84
C ARG A 8 -4.75 -7.97 -2.03
N THR A 9 -5.23 -6.81 -1.59
CA THR A 9 -6.63 -6.47 -1.70
C THR A 9 -6.89 -5.54 -2.89
N GLY A 10 -5.81 -5.04 -3.48
CA GLY A 10 -5.93 -4.15 -4.63
C GLY A 10 -5.74 -2.69 -4.25
N LYS A 11 -5.06 -2.46 -3.13
CA LYS A 11 -4.81 -1.10 -2.66
C LYS A 11 -3.31 -0.86 -2.47
N CYS A 12 -2.93 0.40 -2.46
CA CYS A 12 -1.52 0.77 -2.28
C CYS A 12 -1.39 2.04 -1.45
N GLN A 13 -0.17 2.33 -1.00
CA GLN A 13 0.09 3.51 -0.18
C GLN A 13 0.82 4.57 -0.99
N ARG A 14 1.42 5.53 -0.29
CA ARG A 14 2.16 6.60 -0.95
C ARG A 14 3.45 6.92 -0.19
N MET A 15 3.37 6.92 1.14
CA MET A 15 4.52 7.21 1.98
C MET A 15 5.55 6.10 1.89
N TYR A 1 4.13 8.36 8.00
CA TYR A 1 3.67 8.34 6.62
C TYR A 1 3.02 7.00 6.27
N ILE A 2 2.72 6.82 4.99
CA ILE A 2 2.09 5.59 4.53
C ILE A 2 3.08 4.74 3.73
N ILE A 3 3.58 3.69 4.36
CA ILE A 3 4.53 2.79 3.71
C ILE A 3 4.02 1.36 3.69
N TYR A 4 2.86 1.15 3.06
CA TYR A 4 2.27 -0.17 2.98
C TYR A 4 1.64 -0.39 1.60
N CYS A 5 1.87 -1.56 1.03
CA CYS A 5 1.33 -1.90 -0.28
C CYS A 5 0.50 -3.18 -0.21
N ASN A 6 -0.76 -3.04 0.18
CA ASN A 6 -1.66 -4.19 0.29
C ASN A 6 -2.24 -4.55 -1.06
N ARG A 7 -1.42 -4.44 -2.11
CA ARG A 7 -1.86 -4.75 -3.46
C ARG A 7 -2.73 -6.00 -3.47
N ARG A 8 -2.51 -6.89 -2.51
CA ARG A 8 -3.28 -8.12 -2.42
C ARG A 8 -4.77 -7.84 -2.55
N THR A 9 -5.24 -6.78 -1.90
CA THR A 9 -6.65 -6.40 -1.95
C THR A 9 -6.88 -5.30 -2.98
N GLY A 10 -5.79 -4.72 -3.47
CA GLY A 10 -5.91 -3.66 -4.47
C GLY A 10 -5.68 -2.29 -3.87
N LYS A 11 -4.99 -2.24 -2.73
CA LYS A 11 -4.70 -0.98 -2.05
C LYS A 11 -3.21 -0.84 -1.79
N CYS A 12 -2.69 0.37 -2.03
CA CYS A 12 -1.27 0.63 -1.80
C CYS A 12 -1.07 2.01 -1.18
N GLN A 13 0.19 2.34 -0.89
CA GLN A 13 0.51 3.62 -0.28
C GLN A 13 1.15 4.57 -1.29
N ARG A 14 1.75 5.64 -0.80
CA ARG A 14 2.39 6.62 -1.66
C ARG A 14 3.91 6.63 -1.45
N MET A 15 4.33 6.37 -0.22
CA MET A 15 5.74 6.33 0.12
C MET A 15 6.51 5.42 -0.82
N TYR A 1 4.77 6.43 8.86
CA TYR A 1 4.10 6.80 7.62
C TYR A 1 3.58 5.57 6.90
N ILE A 2 3.10 5.78 5.66
CA ILE A 2 2.57 4.69 4.87
C ILE A 2 3.54 4.30 3.75
N ILE A 3 4.25 3.20 3.94
CA ILE A 3 5.20 2.73 2.94
C ILE A 3 5.02 1.23 2.67
N TYR A 4 3.78 0.84 2.39
CA TYR A 4 3.47 -0.55 2.11
C TYR A 4 2.44 -0.67 0.99
N CYS A 5 2.56 -1.74 0.20
CA CYS A 5 1.64 -1.96 -0.91
C CYS A 5 0.59 -3.01 -0.53
N ASN A 6 -0.66 -2.58 -0.43
CA ASN A 6 -1.75 -3.47 -0.08
C ASN A 6 -2.20 -4.28 -1.29
N ARG A 7 -1.26 -4.61 -2.17
CA ARG A 7 -1.55 -5.38 -3.37
C ARG A 7 -2.58 -6.47 -3.07
N ARG A 8 -2.59 -6.94 -1.83
CA ARG A 8 -3.52 -7.99 -1.41
C ARG A 8 -4.95 -7.64 -1.81
N THR A 9 -5.34 -6.40 -1.56
CA THR A 9 -6.68 -5.93 -1.90
C THR A 9 -6.68 -5.14 -3.19
N GLY A 10 -5.49 -4.80 -3.67
CA GLY A 10 -5.38 -4.03 -4.90
C GLY A 10 -5.07 -2.58 -4.65
N LYS A 11 -4.51 -2.29 -3.48
CA LYS A 11 -4.15 -0.91 -3.12
C LYS A 11 -2.68 -0.81 -2.78
N CYS A 12 -2.19 0.43 -2.66
CA CYS A 12 -0.79 0.67 -2.32
C CYS A 12 -0.66 1.85 -1.37
N GLN A 13 0.58 2.29 -1.15
CA GLN A 13 0.84 3.41 -0.25
C GLN A 13 1.15 4.67 -1.05
N ARG A 14 1.60 5.72 -0.36
CA ARG A 14 1.93 6.98 -0.99
C ARG A 14 3.18 7.60 -0.37
N MET A 15 3.27 7.52 0.96
CA MET A 15 4.42 8.07 1.67
C MET A 15 4.74 9.47 1.18
N TYR A 1 7.93 6.76 7.43
CA TYR A 1 6.49 6.65 7.24
C TYR A 1 6.09 5.22 6.88
N ILE A 2 4.91 5.05 6.32
CA ILE A 2 4.42 3.74 5.93
C ILE A 2 4.45 3.57 4.42
N ILE A 3 5.48 2.88 3.93
CA ILE A 3 5.63 2.64 2.50
C ILE A 3 5.38 1.18 2.16
N TYR A 4 4.11 0.81 2.01
CA TYR A 4 3.73 -0.55 1.68
C TYR A 4 2.58 -0.58 0.69
N CYS A 5 2.58 -1.58 -0.18
CA CYS A 5 1.53 -1.72 -1.19
C CYS A 5 0.55 -2.83 -0.81
N ASN A 6 -0.71 -2.46 -0.65
CA ASN A 6 -1.75 -3.42 -0.29
C ASN A 6 -2.24 -4.18 -1.51
N ARG A 7 -1.32 -4.46 -2.43
CA ARG A 7 -1.67 -5.19 -3.65
C ARG A 7 -2.64 -6.32 -3.35
N ARG A 8 -2.56 -6.87 -2.14
CA ARG A 8 -3.43 -7.96 -1.73
C ARG A 8 -4.89 -7.64 -2.05
N THR A 9 -5.32 -6.43 -1.71
CA THR A 9 -6.68 -6.00 -1.97
C THR A 9 -6.77 -5.16 -3.24
N GLY A 10 -5.63 -4.79 -3.78
CA GLY A 10 -5.60 -3.99 -4.99
C GLY A 10 -5.37 -2.51 -4.70
N LYS A 11 -4.81 -2.21 -3.54
CA LYS A 11 -4.54 -0.83 -3.14
C LYS A 11 -3.07 -0.64 -2.80
N CYS A 12 -2.65 0.62 -2.74
CA CYS A 12 -1.25 0.93 -2.43
C CYS A 12 -1.18 2.16 -1.52
N GLN A 13 -0.18 2.16 -0.63
CA GLN A 13 0.00 3.28 0.29
C GLN A 13 1.49 3.62 0.45
N ARG A 14 1.78 4.90 0.54
CA ARG A 14 3.16 5.37 0.69
C ARG A 14 3.24 6.53 1.68
N MET A 15 2.59 6.38 2.82
CA MET A 15 2.59 7.42 3.85
C MET A 15 1.79 6.99 5.06
N TYR A 1 3.91 6.88 8.52
CA TYR A 1 3.41 7.13 7.18
C TYR A 1 3.00 5.85 6.48
N ILE A 2 2.65 5.95 5.21
CA ILE A 2 2.24 4.79 4.42
C ILE A 2 3.33 4.39 3.42
N ILE A 3 4.05 3.32 3.74
CA ILE A 3 5.12 2.84 2.87
C ILE A 3 4.97 1.34 2.62
N TYR A 4 3.75 0.91 2.33
CA TYR A 4 3.48 -0.50 2.07
C TYR A 4 2.41 -0.66 1.00
N CYS A 5 2.55 -1.69 0.17
CA CYS A 5 1.60 -1.95 -0.90
C CYS A 5 0.63 -3.07 -0.51
N ASN A 6 -0.64 -2.71 -0.35
CA ASN A 6 -1.66 -3.68 0.03
C ASN A 6 -2.14 -4.46 -1.19
N ARG A 7 -1.22 -4.77 -2.10
CA ARG A 7 -1.56 -5.51 -3.31
C ARG A 7 -2.56 -6.62 -3.00
N ARG A 8 -2.52 -7.14 -1.78
CA ARG A 8 -3.43 -8.20 -1.37
C ARG A 8 -4.87 -7.84 -1.71
N THR A 9 -5.27 -6.61 -1.40
CA THR A 9 -6.62 -6.15 -1.67
C THR A 9 -6.66 -5.30 -2.94
N GLY A 10 -5.49 -4.95 -3.46
CA GLY A 10 -5.43 -4.16 -4.67
C GLY A 10 -5.15 -2.69 -4.37
N LYS A 11 -4.58 -2.42 -3.20
CA LYS A 11 -4.27 -1.05 -2.81
C LYS A 11 -2.76 -0.88 -2.59
N CYS A 12 -2.32 0.37 -2.56
CA CYS A 12 -0.90 0.68 -2.36
C CYS A 12 -0.74 1.91 -1.48
N GLN A 13 0.51 2.30 -1.24
CA GLN A 13 0.81 3.46 -0.43
C GLN A 13 1.25 4.64 -1.29
N ARG A 14 1.79 5.68 -0.65
CA ARG A 14 2.24 6.86 -1.36
C ARG A 14 3.74 7.07 -1.17
N MET A 15 4.25 6.65 -0.02
CA MET A 15 5.67 6.79 0.30
C MET A 15 6.50 5.85 -0.56
#